data_4Y7D
#
_entry.id   4Y7D
#
_cell.length_a   67.404
_cell.length_b   75.394
_cell.length_c   126.536
_cell.angle_alpha   90.000
_cell.angle_beta   90.000
_cell.angle_gamma   90.000
#
_symmetry.space_group_name_H-M   'P 21 21 21'
#
loop_
_entity.id
_entity.type
_entity.pdbx_description
1 polymer 'Alpha/beta hydrolase fold protein'
2 non-polymer 'CHLORIDE ION'
3 non-polymer 'SODIUM ION'
4 water water
#
_entity_poly.entity_id   1
_entity_poly.type   'polypeptide(L)'
_entity_poly.pdbx_seq_one_letter_code
;SNA(MSE)ATSEASRDESVQTVSTARGEVDCVIVGAGPPVLVVHGSPGGHDAGLA(MSE)ARFLVAEGLRAIVVDRPGYF
GTPLGSGVTPDEQAELYAALFDALGLAAAGVLCWSGGGPSSYRLAARHPDRVRALVSVAAVSHRYHFDGEKGAEKVL
(MSE)GTGLGRR(MSE)LQL(MSE)AAHTPEKLVSATIAAEGHLSKEHVAERVAQI(MSE)ADPDKERFTLELAVSANHS
GPRKAGFDND(MSE)DQFARIDSLELDRITAPTLVVSGTADSDVDPEFSRFAAAQIAGSELVHLDAGTHLAFWVHPDSGP
VRRRAAELLRAGG
;
_entity_poly.pdbx_strand_id   A,B
#
# COMPACT_ATOMS: atom_id res chain seq x y z
N SER A 14 -13.65 0.91 3.29
CA SER A 14 -12.27 1.40 3.57
C SER A 14 -11.18 0.31 3.77
N VAL A 15 -11.54 -0.94 4.00
CA VAL A 15 -10.52 -2.01 4.09
C VAL A 15 -9.86 -2.19 2.73
N GLN A 16 -8.54 -2.26 2.72
CA GLN A 16 -7.72 -2.50 1.54
CA GLN A 16 -7.82 -2.57 1.50
C GLN A 16 -6.93 -3.76 1.74
N THR A 17 -6.77 -4.57 0.70
CA THR A 17 -5.90 -5.72 0.78
C THR A 17 -4.55 -5.31 0.22
N VAL A 18 -3.49 -5.53 0.96
CA VAL A 18 -2.17 -5.23 0.49
C VAL A 18 -1.43 -6.53 0.25
N SER A 19 -0.97 -6.73 -0.99
CA SER A 19 -0.20 -7.95 -1.29
C SER A 19 1.25 -7.73 -0.98
N THR A 20 1.72 -8.42 0.03
CA THR A 20 3.12 -8.30 0.49
C THR A 20 3.89 -9.56 0.09
N ALA A 21 5.20 -9.49 0.27
CA ALA A 21 6.06 -10.63 -0.03
C ALA A 21 5.77 -11.78 0.92
N ARG A 22 5.20 -11.46 2.09
CA ARG A 22 4.84 -12.50 3.08
C ARG A 22 3.39 -12.99 2.98
N GLY A 23 2.62 -12.44 2.02
CA GLY A 23 1.21 -12.78 1.81
C GLY A 23 0.32 -11.55 1.86
N GLU A 24 -0.97 -11.78 1.65
CA GLU A 24 -1.93 -10.70 1.71
CA GLU A 24 -1.96 -10.71 1.72
C GLU A 24 -2.22 -10.29 3.14
N VAL A 25 -2.41 -8.99 3.35
CA VAL A 25 -2.83 -8.47 4.66
C VAL A 25 -3.81 -7.37 4.44
N ASP A 26 -4.93 -7.39 5.19
CA ASP A 26 -5.89 -6.31 5.08
C ASP A 26 -5.57 -5.22 6.07
N CYS A 27 -5.88 -4.00 5.68
CA CYS A 27 -5.68 -2.87 6.57
C CYS A 27 -6.60 -1.71 6.23
N VAL A 28 -6.70 -0.74 7.13
CA VAL A 28 -7.37 0.50 6.87
C VAL A 28 -6.32 1.56 7.09
N ILE A 29 -6.30 2.49 6.15
CA ILE A 29 -5.32 3.55 6.07
C ILE A 29 -6.12 4.83 6.36
N VAL A 30 -5.81 5.52 7.45
CA VAL A 30 -6.57 6.68 7.83
C VAL A 30 -5.69 7.78 8.44
N GLY A 31 -6.08 9.03 8.22
CA GLY A 31 -5.38 10.17 8.80
C GLY A 31 -4.22 10.66 7.92
N ALA A 32 -3.45 11.58 8.48
CA ALA A 32 -2.35 12.24 7.78
C ALA A 32 -1.36 12.63 8.85
N GLY A 33 -0.08 12.60 8.51
CA GLY A 33 0.97 12.82 9.49
C GLY A 33 1.92 11.64 9.58
N PRO A 34 2.83 11.67 10.53
CA PRO A 34 3.72 10.55 10.80
C PRO A 34 2.96 9.27 11.00
N PRO A 35 3.41 8.21 10.33
CA PRO A 35 2.65 6.95 10.39
C PRO A 35 2.84 6.12 11.62
N VAL A 36 1.77 5.45 12.01
CA VAL A 36 1.76 4.50 13.13
C VAL A 36 1.05 3.23 12.74
N LEU A 37 1.74 2.10 12.91
CA LEU A 37 1.12 0.81 12.75
C LEU A 37 0.37 0.49 14.04
N VAL A 38 -0.92 0.21 13.94
CA VAL A 38 -1.84 0.00 15.09
C VAL A 38 -2.22 -1.49 15.08
N VAL A 39 -1.95 -2.17 16.19
CA VAL A 39 -2.02 -3.62 16.25
C VAL A 39 -3.01 -4.07 17.34
N HIS A 40 -4.11 -4.62 16.90
CA HIS A 40 -5.22 -5.03 17.76
C HIS A 40 -4.90 -6.27 18.63
N GLY A 41 -5.74 -6.44 19.65
CA GLY A 41 -5.66 -7.56 20.54
C GLY A 41 -6.43 -8.81 20.13
N SER A 42 -6.78 -9.61 21.13
CA SER A 42 -7.23 -10.98 20.90
C SER A 42 -8.56 -11.25 21.60
N PRO A 43 -9.67 -11.39 20.85
CA PRO A 43 -9.78 -11.17 19.40
C PRO A 43 -9.82 -9.69 19.09
N GLY A 44 -9.88 -9.37 17.80
CA GLY A 44 -9.94 -7.99 17.36
C GLY A 44 -10.04 -8.00 15.86
N GLY A 45 -9.61 -6.92 15.28
CA GLY A 45 -9.69 -6.70 13.86
C GLY A 45 -9.62 -5.23 13.60
N HIS A 46 -9.85 -4.83 12.36
CA HIS A 46 -9.67 -3.42 12.04
C HIS A 46 -10.70 -2.50 12.74
N ASP A 47 -11.83 -3.04 13.14
CA ASP A 47 -12.78 -2.25 13.92
C ASP A 47 -12.22 -1.82 15.27
N ALA A 48 -11.65 -2.78 15.99
CA ALA A 48 -10.95 -2.49 17.26
C ALA A 48 -9.80 -1.56 17.00
N GLY A 49 -9.00 -1.88 15.99
CA GLY A 49 -7.84 -1.03 15.66
C GLY A 49 -8.21 0.40 15.35
N LEU A 50 -9.28 0.62 14.60
CA LEU A 50 -9.65 1.98 14.30
C LEU A 50 -10.09 2.74 15.55
N ALA A 51 -10.74 2.05 16.46
CA ALA A 51 -11.17 2.66 17.72
C ALA A 51 -9.93 3.04 18.55
N ALA A 53 -7.08 3.80 17.25
CA ALA A 53 -6.36 4.80 16.47
C ALA A 53 -7.00 6.15 16.48
N ARG A 54 -8.26 6.29 16.91
CA ARG A 54 -8.88 7.62 16.74
C ARG A 54 -8.10 8.76 17.36
N PHE A 55 -7.55 8.55 18.55
CA PHE A 55 -6.82 9.66 19.19
C PHE A 55 -5.58 10.10 18.36
N LEU A 56 -4.97 9.15 17.63
CA LEU A 56 -3.80 9.43 16.83
C LEU A 56 -4.17 10.32 15.65
N VAL A 57 -5.27 9.96 15.00
CA VAL A 57 -5.73 10.72 13.84
C VAL A 57 -6.04 12.16 14.27
N ALA A 58 -6.66 12.27 15.45
CA ALA A 58 -6.97 13.58 15.99
C ALA A 58 -5.72 14.41 16.34
N GLU A 59 -4.65 13.75 16.70
CA GLU A 59 -3.37 14.36 16.99
C GLU A 59 -2.50 14.60 15.75
N GLY A 60 -3.04 14.38 14.56
CA GLY A 60 -2.23 14.66 13.36
C GLY A 60 -1.19 13.59 13.03
N LEU A 61 -1.51 12.32 13.30
CA LEU A 61 -0.72 11.19 12.81
C LEU A 61 -1.60 10.36 11.87
N ARG A 62 -0.96 9.51 11.04
CA ARG A 62 -1.69 8.63 10.17
C ARG A 62 -1.59 7.25 10.74
N ALA A 63 -2.66 6.47 10.63
CA ALA A 63 -2.64 5.10 11.17
C ALA A 63 -2.75 4.05 10.06
N ILE A 64 -2.02 2.95 10.25
CA ILE A 64 -2.06 1.80 9.41
C ILE A 64 -2.64 0.71 10.32
N VAL A 65 -3.91 0.39 10.15
CA VAL A 65 -4.62 -0.46 11.13
C VAL A 65 -4.81 -1.82 10.47
N VAL A 66 -4.06 -2.83 10.93
CA VAL A 66 -4.14 -4.13 10.31
C VAL A 66 -5.24 -4.99 10.87
N ASP A 67 -5.67 -5.97 10.07
CA ASP A 67 -6.31 -7.19 10.54
C ASP A 67 -5.18 -8.22 10.65
N ARG A 68 -4.87 -8.69 11.85
CA ARG A 68 -3.86 -9.72 12.01
C ARG A 68 -4.33 -11.02 11.39
N PRO A 69 -3.38 -11.87 11.00
CA PRO A 69 -3.76 -13.16 10.40
C PRO A 69 -4.78 -13.94 11.18
N GLY A 70 -5.81 -14.42 10.46
CA GLY A 70 -6.90 -15.16 11.04
C GLY A 70 -8.09 -14.32 11.43
N TYR A 71 -7.96 -12.98 11.34
CA TYR A 71 -9.02 -12.09 11.60
C TYR A 71 -9.52 -11.42 10.32
N PHE A 72 -10.84 -11.45 10.18
CA PHE A 72 -11.51 -10.93 9.00
CA PHE A 72 -11.51 -10.95 8.99
C PHE A 72 -10.80 -11.40 7.73
N GLY A 73 -10.33 -10.47 6.86
CA GLY A 73 -9.81 -10.90 5.57
C GLY A 73 -8.36 -11.31 5.48
N THR A 74 -7.59 -11.18 6.57
CA THR A 74 -6.18 -11.54 6.49
C THR A 74 -6.06 -13.04 6.71
N PRO A 75 -5.54 -13.77 5.73
CA PRO A 75 -5.45 -15.19 5.94
C PRO A 75 -4.45 -15.58 7.02
N LEU A 76 -4.76 -16.65 7.75
CA LEU A 76 -3.83 -17.13 8.76
C LEU A 76 -2.45 -17.41 8.19
N GLY A 77 -2.40 -17.91 6.96
CA GLY A 77 -1.16 -18.26 6.30
C GLY A 77 -0.20 -17.09 6.08
N SER A 78 -0.68 -15.87 6.19
CA SER A 78 0.20 -14.71 6.09
C SER A 78 1.11 -14.54 7.33
N GLY A 79 0.80 -15.27 8.41
CA GLY A 79 1.68 -15.28 9.56
C GLY A 79 1.03 -15.89 10.79
N VAL A 80 1.45 -17.10 11.14
CA VAL A 80 0.93 -17.76 12.32
C VAL A 80 1.58 -17.35 13.63
N THR A 81 2.91 -17.38 13.70
CA THR A 81 3.61 -17.08 14.94
C THR A 81 3.74 -15.57 15.14
N PRO A 82 3.98 -15.13 16.40
CA PRO A 82 4.26 -13.72 16.60
C PRO A 82 5.41 -13.22 15.70
N ASP A 83 6.45 -14.04 15.57
CA ASP A 83 7.59 -13.65 14.73
CA ASP A 83 7.59 -13.66 14.72
C ASP A 83 7.22 -13.54 13.25
N GLU A 84 6.38 -14.46 12.75
CA GLU A 84 5.87 -14.37 11.39
C GLU A 84 4.93 -13.14 11.18
N GLN A 85 4.13 -12.81 12.19
CA GLN A 85 3.32 -11.61 12.10
C GLN A 85 4.18 -10.35 12.06
N ALA A 86 5.25 -10.29 12.86
CA ALA A 86 6.23 -9.19 12.74
C ALA A 86 6.81 -9.12 11.31
N GLU A 87 7.15 -10.28 10.75
CA GLU A 87 7.70 -10.36 9.40
C GLU A 87 6.69 -9.82 8.39
N LEU A 88 5.42 -10.09 8.62
CA LEU A 88 4.36 -9.56 7.78
C LEU A 88 4.25 -8.08 7.87
N TYR A 89 4.37 -7.52 9.08
CA TYR A 89 4.28 -6.08 9.23
C TYR A 89 5.42 -5.38 8.49
N ALA A 90 6.62 -5.93 8.58
CA ALA A 90 7.79 -5.33 7.87
C ALA A 90 7.56 -5.46 6.37
N ALA A 91 7.00 -6.58 5.94
CA ALA A 91 6.68 -6.74 4.51
C ALA A 91 5.55 -5.80 4.05
N LEU A 92 4.61 -5.51 4.94
CA LEU A 92 3.60 -4.50 4.70
C LEU A 92 4.25 -3.10 4.53
N PHE A 93 5.19 -2.74 5.41
CA PHE A 93 5.88 -1.47 5.30
C PHE A 93 6.59 -1.42 3.93
N ASP A 94 7.24 -2.53 3.56
CA ASP A 94 7.89 -2.59 2.24
C ASP A 94 6.85 -2.33 1.11
N ALA A 95 5.69 -2.96 1.22
CA ALA A 95 4.63 -2.81 0.23
C ALA A 95 4.01 -1.40 0.16
N LEU A 96 4.15 -0.63 1.25
CA LEU A 96 3.76 0.77 1.28
C LEU A 96 4.91 1.69 0.99
N GLY A 97 6.10 1.18 0.66
CA GLY A 97 7.27 2.02 0.40
C GLY A 97 7.74 2.80 1.61
N LEU A 98 7.51 2.24 2.78
CA LEU A 98 7.70 2.91 4.06
C LEU A 98 8.93 2.39 4.78
N ALA A 99 9.84 3.31 5.14
CA ALA A 99 11.10 2.94 5.84
C ALA A 99 10.89 2.50 7.29
N ALA A 100 9.98 3.19 7.95
CA ALA A 100 9.76 2.97 9.40
C ALA A 100 8.50 3.67 9.87
N ALA A 101 7.99 3.21 11.00
CA ALA A 101 6.76 3.74 11.55
C ALA A 101 6.74 3.61 13.04
N GLY A 102 5.91 4.44 13.66
CA GLY A 102 5.59 4.19 15.06
C GLY A 102 4.75 2.92 15.18
N VAL A 103 4.70 2.35 16.38
CA VAL A 103 3.88 1.19 16.61
C VAL A 103 3.06 1.40 17.91
N LEU A 104 1.77 1.21 17.82
CA LEU A 104 0.84 1.20 18.96
C LEU A 104 0.23 -0.18 19.01
N CYS A 105 0.42 -0.85 20.15
CA CYS A 105 -0.20 -2.15 20.39
C CYS A 105 -0.93 -2.20 21.70
N TRP A 106 -1.89 -3.14 21.79
CA TRP A 106 -2.61 -3.36 23.05
C TRP A 106 -2.84 -4.83 23.18
N SER A 107 -2.70 -5.36 24.41
CA SER A 107 -3.18 -6.70 24.76
C SER A 107 -2.53 -7.80 23.90
N GLY A 108 -3.32 -8.63 23.22
CA GLY A 108 -2.78 -9.65 22.32
C GLY A 108 -2.05 -9.11 21.08
N GLY A 109 -2.05 -7.80 20.84
CA GLY A 109 -1.16 -7.23 19.83
C GLY A 109 0.32 -7.14 20.25
N GLY A 110 0.58 -7.31 21.54
CA GLY A 110 1.92 -7.25 22.06
C GLY A 110 2.93 -8.16 21.42
N PRO A 111 2.66 -9.48 21.38
CA PRO A 111 3.75 -10.30 20.94
C PRO A 111 4.34 -10.01 19.58
N SER A 112 3.50 -9.83 18.58
CA SER A 112 3.95 -9.56 17.23
C SER A 112 4.59 -8.15 17.16
N SER A 113 4.10 -7.23 17.95
CA SER A 113 4.67 -5.85 17.95
C SER A 113 6.05 -5.86 18.61
N TYR A 114 6.18 -6.53 19.77
CA TYR A 114 7.47 -6.71 20.39
C TYR A 114 8.45 -7.40 19.45
N ARG A 115 8.03 -8.44 18.75
CA ARG A 115 8.92 -9.08 17.79
C ARG A 115 9.40 -8.15 16.65
N LEU A 116 8.50 -7.30 16.18
CA LEU A 116 8.86 -6.34 15.14
C LEU A 116 9.93 -5.38 15.70
N ALA A 117 9.70 -4.85 16.90
CA ALA A 117 10.68 -3.95 17.48
C ALA A 117 12.02 -4.63 17.79
N ALA A 118 11.98 -5.90 18.20
CA ALA A 118 13.17 -6.68 18.55
C ALA A 118 14.00 -7.06 17.35
N ARG A 119 13.37 -7.58 16.32
CA ARG A 119 14.06 -8.16 15.18
C ARG A 119 14.16 -7.25 13.99
N HIS A 120 13.31 -6.22 13.90
CA HIS A 120 13.33 -5.22 12.84
C HIS A 120 13.44 -3.81 13.46
N PRO A 121 14.44 -3.58 14.31
CA PRO A 121 14.54 -2.26 14.98
C PRO A 121 14.62 -1.05 14.05
N ASP A 122 15.21 -1.22 12.87
CA ASP A 122 15.29 -0.12 11.91
C ASP A 122 13.90 0.32 11.39
N ARG A 123 12.89 -0.50 11.55
CA ARG A 123 11.54 -0.25 11.03
C ARG A 123 10.57 0.35 12.06
N VAL A 124 11.03 0.46 13.31
CA VAL A 124 10.20 0.94 14.40
C VAL A 124 10.79 2.27 15.00
N ARG A 125 10.09 3.37 14.75
CA ARG A 125 10.49 4.69 15.25
CA ARG A 125 10.52 4.67 15.26
C ARG A 125 10.31 4.87 16.75
N ALA A 126 9.25 4.26 17.28
CA ALA A 126 8.82 4.39 18.67
C ALA A 126 7.75 3.33 18.91
N LEU A 127 7.61 2.92 20.16
CA LEU A 127 6.68 1.88 20.56
C LEU A 127 5.83 2.36 21.74
N VAL A 128 4.52 2.30 21.59
CA VAL A 128 3.59 2.45 22.71
C VAL A 128 2.87 1.13 22.91
N SER A 129 3.08 0.56 24.08
CA SER A 129 2.62 -0.78 24.38
C SER A 129 1.68 -0.75 25.57
N VAL A 130 0.40 -0.96 25.28
CA VAL A 130 -0.67 -0.79 26.29
C VAL A 130 -1.09 -2.17 26.77
N ALA A 131 -0.94 -2.40 28.08
CA ALA A 131 -1.38 -3.66 28.72
C ALA A 131 -1.17 -4.84 27.79
N ALA A 132 0.08 -5.03 27.37
CA ALA A 132 0.40 -5.94 26.27
C ALA A 132 1.02 -7.23 26.77
N VAL A 133 0.63 -8.32 26.14
CA VAL A 133 1.24 -9.59 26.42
C VAL A 133 2.73 -9.58 26.00
N SER A 134 3.59 -9.80 26.97
CA SER A 134 5.05 -9.61 26.83
C SER A 134 5.84 -10.89 27.11
N HIS A 135 5.12 -11.97 27.47
CA HIS A 135 5.75 -13.25 27.68
C HIS A 135 4.66 -14.30 27.65
N ARG A 136 5.00 -15.58 27.83
CA ARG A 136 4.02 -16.64 27.75
C ARG A 136 2.77 -16.29 28.56
N TYR A 137 1.62 -16.61 27.97
CA TYR A 137 0.32 -16.27 28.55
CA TYR A 137 0.32 -16.21 28.52
C TYR A 137 -0.64 -17.39 28.33
N HIS A 138 -1.39 -17.74 29.38
CA HIS A 138 -2.43 -18.78 29.31
C HIS A 138 -3.84 -18.21 29.54
N PHE A 139 -4.69 -18.41 28.55
CA PHE A 139 -6.07 -17.97 28.57
CA PHE A 139 -6.07 -17.98 28.57
C PHE A 139 -6.87 -18.86 29.53
N ASP A 140 -7.62 -18.25 30.43
CA ASP A 140 -8.63 -18.98 31.20
CA ASP A 140 -8.62 -19.01 31.18
C ASP A 140 -9.90 -18.99 30.34
N GLY A 141 -10.39 -20.18 30.02
CA GLY A 141 -11.54 -20.27 29.19
C GLY A 141 -12.74 -19.53 29.77
N GLU A 142 -13.84 -19.65 29.06
CA GLU A 142 -15.08 -19.02 29.45
C GLU A 142 -16.03 -20.15 29.71
N LYS A 143 -16.91 -19.97 30.68
CA LYS A 143 -17.95 -20.96 30.98
C LYS A 143 -19.33 -20.30 30.98
N GLY A 144 -20.34 -21.15 30.78
CA GLY A 144 -21.73 -20.76 30.89
C GLY A 144 -22.13 -19.67 29.92
N ALA A 145 -22.76 -18.64 30.49
CA ALA A 145 -23.35 -17.58 29.69
C ALA A 145 -22.25 -16.76 29.01
N GLU A 146 -21.19 -16.43 29.75
CA GLU A 146 -20.07 -15.69 29.14
C GLU A 146 -19.52 -16.40 27.91
N LYS A 147 -19.44 -17.71 27.96
CA LYS A 147 -18.95 -18.48 26.82
C LYS A 147 -19.83 -18.33 25.59
N VAL A 148 -21.16 -18.42 25.79
CA VAL A 148 -22.08 -18.24 24.69
C VAL A 148 -22.00 -16.82 24.16
N LEU A 149 -21.95 -15.87 25.07
CA LEU A 149 -21.95 -14.47 24.70
C LEU A 149 -20.72 -14.10 23.90
N GLY A 151 -18.49 -16.43 22.46
CA GLY A 151 -18.07 -17.47 21.54
C GLY A 151 -18.99 -17.83 20.39
N THR A 152 -20.19 -17.23 20.33
CA THR A 152 -21.20 -17.62 19.32
C THR A 152 -21.73 -16.43 18.54
N GLY A 153 -22.27 -16.73 17.37
CA GLY A 153 -22.89 -15.68 16.50
C GLY A 153 -24.10 -15.04 17.20
N LEU A 154 -24.87 -15.86 17.92
CA LEU A 154 -25.96 -15.32 18.76
C LEU A 154 -25.43 -14.32 19.78
N GLY A 155 -24.35 -14.68 20.48
CA GLY A 155 -23.67 -13.76 21.39
C GLY A 155 -23.25 -12.45 20.72
N ARG A 156 -22.59 -12.59 19.57
CA ARG A 156 -22.22 -11.44 18.75
C ARG A 156 -23.42 -10.50 18.46
N ARG A 157 -24.55 -11.06 18.04
CA ARG A 157 -25.74 -10.27 17.74
CA ARG A 157 -25.73 -10.25 17.74
C ARG A 157 -26.30 -9.58 19.00
N LEU A 159 -24.48 -8.64 21.64
CA LEU A 159 -23.57 -7.53 21.94
C LEU A 159 -23.85 -6.32 21.04
N GLN A 160 -24.09 -6.58 19.76
CA GLN A 160 -24.42 -5.52 18.80
CA GLN A 160 -24.42 -5.52 18.81
C GLN A 160 -25.69 -4.79 19.19
N LEU A 161 -26.73 -5.55 19.53
CA LEU A 161 -27.97 -4.94 20.02
C LEU A 161 -27.75 -4.16 21.28
N ALA A 163 -25.03 -2.68 22.32
CA ALA A 163 -24.25 -1.49 21.97
C ALA A 163 -25.12 -0.44 21.34
N ALA A 164 -26.07 -0.89 20.52
CA ALA A 164 -26.96 0.03 19.81
C ALA A 164 -28.05 0.59 20.70
N HIS A 165 -28.55 -0.24 21.62
CA HIS A 165 -29.78 0.08 22.30
C HIS A 165 -29.73 0.18 23.82
N THR A 166 -28.75 -0.46 24.45
CA THR A 166 -28.58 -0.40 25.92
C THR A 166 -27.10 -0.13 26.22
N PRO A 167 -26.60 1.03 25.72
CA PRO A 167 -25.16 1.18 25.75
C PRO A 167 -24.61 1.24 27.19
N GLU A 168 -25.32 1.91 28.11
CA GLU A 168 -24.81 2.00 29.49
C GLU A 168 -24.64 0.61 30.12
N LYS A 169 -25.61 -0.28 29.88
CA LYS A 169 -25.50 -1.63 30.39
C LYS A 169 -24.29 -2.32 29.83
N LEU A 170 -24.00 -2.12 28.54
CA LEU A 170 -22.84 -2.76 27.92
C LEU A 170 -21.53 -2.18 28.49
N VAL A 171 -21.47 -0.85 28.64
CA VAL A 171 -20.30 -0.18 29.22
C VAL A 171 -20.02 -0.74 30.65
N SER A 172 -21.05 -0.83 31.47
CA SER A 172 -20.95 -1.38 32.80
C SER A 172 -20.41 -2.82 32.82
N ALA A 173 -20.98 -3.67 31.99
CA ALA A 173 -20.54 -5.04 31.88
C ALA A 173 -19.08 -5.16 31.48
N THR A 174 -18.67 -4.30 30.54
CA THR A 174 -17.31 -4.31 30.03
C THR A 174 -16.30 -3.82 31.10
N ILE A 175 -16.61 -2.71 31.76
CA ILE A 175 -15.70 -2.20 32.82
C ILE A 175 -15.54 -3.23 33.95
N ALA A 176 -16.66 -3.84 34.35
CA ALA A 176 -16.57 -4.92 35.35
C ALA A 176 -15.75 -6.13 34.89
N ALA A 177 -15.93 -6.56 33.64
CA ALA A 177 -15.21 -7.69 33.14
C ALA A 177 -13.72 -7.44 33.02
N GLU A 178 -13.33 -6.19 32.78
CA GLU A 178 -11.95 -5.90 32.40
C GLU A 178 -11.07 -5.39 33.52
N GLY A 179 -11.63 -5.40 34.73
CA GLY A 179 -10.92 -4.94 35.91
C GLY A 179 -11.30 -5.69 37.16
N HIS A 180 -10.55 -5.40 38.22
CA HIS A 180 -10.79 -5.93 39.57
C HIS A 180 -11.45 -4.89 40.46
N LEU A 181 -12.13 -3.90 39.88
CA LEU A 181 -12.74 -2.83 40.65
C LEU A 181 -13.95 -3.28 41.47
N SER A 182 -14.17 -2.56 42.58
CA SER A 182 -15.38 -2.70 43.37
C SER A 182 -16.58 -2.27 42.53
N LYS A 183 -17.76 -2.74 42.90
CA LYS A 183 -19.02 -2.34 42.29
CA LYS A 183 -18.96 -2.34 42.18
C LYS A 183 -19.10 -0.82 42.21
N GLU A 184 -18.74 -0.18 43.33
CA GLU A 184 -18.84 1.27 43.47
CA GLU A 184 -18.82 1.28 43.49
C GLU A 184 -17.89 1.99 42.49
N HIS A 185 -16.67 1.48 42.39
CA HIS A 185 -15.71 2.07 41.46
C HIS A 185 -16.04 1.81 40.00
N VAL A 186 -16.58 0.63 39.69
CA VAL A 186 -17.09 0.35 38.32
C VAL A 186 -18.13 1.44 38.01
N ALA A 187 -19.09 1.68 38.92
CA ALA A 187 -20.15 2.66 38.65
C ALA A 187 -19.60 4.07 38.44
N GLU A 188 -18.57 4.42 39.19
CA GLU A 188 -17.91 5.72 39.03
CA GLU A 188 -17.91 5.72 39.03
C GLU A 188 -17.28 5.85 37.64
N ARG A 189 -16.64 4.77 37.16
CA ARG A 189 -16.00 4.74 35.87
C ARG A 189 -17.04 4.80 34.76
N VAL A 190 -18.14 4.06 34.93
CA VAL A 190 -19.23 4.04 33.99
C VAL A 190 -19.80 5.46 33.81
N ALA A 191 -20.02 6.18 34.90
CA ALA A 191 -20.61 7.53 34.82
C ALA A 191 -19.69 8.50 34.07
N GLN A 192 -18.38 8.38 34.31
CA GLN A 192 -17.38 9.12 33.54
C GLN A 192 -17.49 8.85 32.03
N ILE A 193 -17.61 7.58 31.67
CA ILE A 193 -17.65 7.19 30.31
C ILE A 193 -18.92 7.67 29.63
N ALA A 195 -20.39 10.29 30.31
CA ALA A 195 -20.28 11.74 30.16
C ALA A 195 -19.30 12.18 29.08
N ASP A 196 -18.59 11.26 28.49
CA ASP A 196 -17.60 11.58 27.45
C ASP A 196 -17.88 10.71 26.24
N PRO A 197 -18.46 11.30 25.19
CA PRO A 197 -18.86 10.55 24.00
C PRO A 197 -17.73 9.72 23.38
N ASP A 198 -16.48 10.18 23.46
CA ASP A 198 -15.37 9.42 22.85
C ASP A 198 -15.09 8.17 23.63
N LYS A 199 -15.17 8.29 24.97
CA LYS A 199 -14.97 7.13 25.82
C LYS A 199 -16.09 6.12 25.64
N GLU A 200 -17.32 6.61 25.51
CA GLU A 200 -18.48 5.72 25.35
C GLU A 200 -18.34 4.95 24.04
N ARG A 201 -18.08 5.68 22.97
CA ARG A 201 -17.94 5.06 21.67
CA ARG A 201 -17.92 5.09 21.65
C ARG A 201 -16.82 4.03 21.66
N PHE A 202 -15.66 4.38 22.24
CA PHE A 202 -14.55 3.43 22.30
C PHE A 202 -14.95 2.15 23.01
N THR A 203 -15.61 2.30 24.17
CA THR A 203 -15.95 1.15 24.97
C THR A 203 -16.93 0.21 24.26
N LEU A 204 -17.94 0.79 23.63
CA LEU A 204 -18.94 0.00 22.90
C LEU A 204 -18.32 -0.75 21.73
N GLU A 205 -17.44 -0.07 21.00
CA GLU A 205 -16.79 -0.72 19.86
C GLU A 205 -15.92 -1.90 20.29
N LEU A 206 -15.14 -1.71 21.37
CA LEU A 206 -14.26 -2.76 21.85
C LEU A 206 -15.06 -3.90 22.48
N ALA A 207 -16.17 -3.57 23.15
CA ALA A 207 -17.04 -4.64 23.72
C ALA A 207 -17.56 -5.61 22.65
N VAL A 208 -18.03 -5.06 21.54
CA VAL A 208 -18.49 -5.89 20.43
C VAL A 208 -17.34 -6.71 19.81
N SER A 209 -16.14 -6.14 19.74
CA SER A 209 -15.02 -6.81 19.10
C SER A 209 -14.43 -7.92 19.98
N ALA A 210 -14.89 -8.04 21.23
CA ALA A 210 -14.38 -9.03 22.16
C ALA A 210 -14.92 -10.40 21.85
N ASN A 211 -16.01 -10.48 21.09
CA ASN A 211 -16.60 -11.76 20.73
C ASN A 211 -15.72 -12.36 19.64
N HIS A 212 -15.30 -13.61 19.84
CA HIS A 212 -14.36 -14.25 18.95
C HIS A 212 -14.98 -15.28 17.97
N SER A 213 -16.28 -15.19 17.76
CA SER A 213 -16.93 -16.14 16.85
C SER A 213 -16.73 -15.73 15.40
N GLY A 214 -17.15 -16.60 14.51
CA GLY A 214 -17.23 -16.27 13.09
C GLY A 214 -15.89 -15.87 12.52
N PRO A 215 -15.81 -14.66 11.98
CA PRO A 215 -14.56 -14.29 11.27
C PRO A 215 -13.39 -13.89 12.15
N ARG A 216 -13.61 -13.89 13.46
CA ARG A 216 -12.54 -13.72 14.39
C ARG A 216 -12.05 -15.04 15.00
N LYS A 217 -12.68 -16.15 14.70
CA LYS A 217 -12.32 -17.40 15.36
C LYS A 217 -10.91 -17.96 15.04
N ALA A 218 -10.53 -17.96 13.76
CA ALA A 218 -9.24 -18.53 13.37
C ALA A 218 -8.08 -17.85 14.05
N GLY A 219 -8.15 -16.52 14.05
CA GLY A 219 -7.07 -15.72 14.61
C GLY A 219 -7.05 -15.79 16.12
N PHE A 220 -8.24 -15.87 16.73
CA PHE A 220 -8.31 -15.95 18.18
C PHE A 220 -7.74 -17.28 18.67
N ASP A 221 -8.16 -18.39 18.07
CA ASP A 221 -7.65 -19.73 18.44
C ASP A 221 -6.12 -19.82 18.21
N ASN A 222 -5.67 -19.24 17.10
CA ASN A 222 -4.26 -19.18 16.81
C ASN A 222 -3.47 -18.38 17.89
N ASP A 223 -4.01 -17.24 18.26
CA ASP A 223 -3.36 -16.39 19.28
C ASP A 223 -3.30 -17.16 20.63
N ASP A 225 -3.26 -20.33 21.13
CA ASP A 225 -2.28 -21.39 21.02
C ASP A 225 -0.84 -20.85 21.02
N GLN A 226 -0.61 -19.77 20.28
CA GLN A 226 0.73 -19.24 20.19
C GLN A 226 1.19 -18.60 21.48
N PHE A 227 0.31 -17.88 22.15
CA PHE A 227 0.74 -17.18 23.38
C PHE A 227 1.11 -18.17 24.47
N ALA A 228 0.46 -19.34 24.50
CA ALA A 228 0.79 -20.40 25.43
C ALA A 228 2.13 -21.08 25.13
N ARG A 229 2.69 -20.81 23.95
CA ARG A 229 3.94 -21.42 23.52
C ARG A 229 5.14 -20.46 23.47
N ILE A 230 4.95 -19.19 23.83
CA ILE A 230 6.06 -18.24 23.82
C ILE A 230 7.22 -18.72 24.68
N ASP A 231 8.40 -18.72 24.10
CA ASP A 231 9.64 -19.06 24.81
C ASP A 231 10.19 -17.75 25.40
N SER A 232 10.71 -16.88 24.54
CA SER A 232 10.99 -15.50 24.88
C SER A 232 10.71 -14.65 23.67
N LEU A 233 10.17 -13.46 23.88
CA LEU A 233 10.04 -12.47 22.80
C LEU A 233 11.28 -11.57 22.64
N GLU A 234 12.24 -11.67 23.56
CA GLU A 234 13.50 -10.95 23.49
C GLU A 234 13.34 -9.44 23.50
N LEU A 235 12.50 -8.97 24.44
CA LEU A 235 12.29 -7.54 24.55
C LEU A 235 13.57 -6.79 24.87
N ASP A 236 14.55 -7.43 25.45
CA ASP A 236 15.80 -6.74 25.78
CA ASP A 236 15.78 -6.70 25.78
C ASP A 236 16.56 -6.28 24.55
N ARG A 237 16.21 -6.80 23.38
CA ARG A 237 16.81 -6.36 22.12
CA ARG A 237 16.84 -6.35 22.15
C ARG A 237 16.27 -5.01 21.64
N ILE A 238 15.15 -4.58 22.19
CA ILE A 238 14.44 -3.38 21.69
C ILE A 238 15.17 -2.11 22.04
N THR A 239 15.44 -1.28 21.03
CA THR A 239 16.10 0.01 21.21
C THR A 239 15.23 1.21 20.91
N ALA A 240 13.98 0.96 20.49
CA ALA A 240 13.06 2.07 20.24
C ALA A 240 12.69 2.75 21.53
N PRO A 241 12.46 4.08 21.48
CA PRO A 241 11.84 4.80 22.57
C PRO A 241 10.48 4.22 22.81
N THR A 242 10.18 3.90 24.07
CA THR A 242 9.07 2.99 24.41
C THR A 242 8.33 3.48 25.61
N LEU A 243 6.99 3.53 25.48
CA LEU A 243 6.09 3.89 26.55
C LEU A 243 5.26 2.66 26.80
N VAL A 244 5.26 2.18 28.04
CA VAL A 244 4.50 1.02 28.49
C VAL A 244 3.41 1.54 29.45
N VAL A 245 2.16 1.19 29.22
CA VAL A 245 1.01 1.72 29.97
C VAL A 245 0.22 0.58 30.59
N SER A 246 0.01 0.66 31.92
CA SER A 246 -0.71 -0.35 32.66
C SER A 246 -1.73 0.26 33.63
N GLY A 247 -2.95 -0.24 33.57
CA GLY A 247 -3.96 0.06 34.59
C GLY A 247 -3.80 -0.89 35.75
N THR A 248 -3.78 -0.34 36.98
CA THR A 248 -3.42 -1.18 38.11
C THR A 248 -4.46 -2.24 38.47
N ALA A 249 -5.69 -2.06 38.00
CA ALA A 249 -6.78 -2.98 38.27
C ALA A 249 -7.08 -3.89 37.07
N ASP A 250 -6.16 -4.00 36.12
CA ASP A 250 -6.39 -4.78 34.89
C ASP A 250 -6.51 -6.25 35.28
N SER A 251 -7.63 -6.87 34.91
CA SER A 251 -7.84 -8.29 35.20
C SER A 251 -7.66 -9.15 33.94
N ASP A 252 -7.32 -8.54 32.84
CA ASP A 252 -7.23 -9.22 31.56
C ASP A 252 -5.74 -9.54 31.25
N VAL A 253 -4.91 -8.50 31.19
CA VAL A 253 -3.46 -8.67 31.10
C VAL A 253 -2.85 -8.13 32.37
N ASP A 254 -2.34 -9.02 33.19
CA ASP A 254 -1.81 -8.59 34.50
C ASP A 254 -0.78 -7.46 34.40
N PRO A 255 -0.84 -6.50 35.33
CA PRO A 255 0.20 -5.45 35.36
C PRO A 255 1.65 -5.97 35.32
N GLU A 256 1.89 -7.19 35.81
CA GLU A 256 3.23 -7.77 35.80
C GLU A 256 3.78 -7.87 34.39
N PHE A 257 2.90 -8.05 33.39
CA PHE A 257 3.40 -8.10 32.01
C PHE A 257 4.05 -6.77 31.63
N SER A 258 3.43 -5.69 32.07
CA SER A 258 4.00 -4.37 31.76
C SER A 258 5.27 -4.02 32.56
N ARG A 259 5.33 -4.40 33.84
CA ARG A 259 6.53 -4.18 34.65
C ARG A 259 7.69 -4.98 34.07
N PHE A 260 7.42 -6.22 33.64
CA PHE A 260 8.41 -7.03 32.99
C PHE A 260 8.92 -6.34 31.73
N ALA A 261 7.99 -5.88 30.89
CA ALA A 261 8.35 -5.27 29.61
C ALA A 261 9.21 -4.05 29.84
N ALA A 262 8.83 -3.18 30.79
CA ALA A 262 9.59 -1.99 31.06
C ALA A 262 10.99 -2.33 31.59
N ALA A 263 11.12 -3.42 32.35
CA ALA A 263 12.40 -3.84 32.89
C ALA A 263 13.30 -4.38 31.82
N GLN A 264 12.72 -4.90 30.75
CA GLN A 264 13.53 -5.45 29.65
C GLN A 264 14.01 -4.39 28.66
N ILE A 265 13.18 -3.38 28.44
CA ILE A 265 13.42 -2.40 27.35
C ILE A 265 14.15 -1.21 27.94
N ALA A 266 15.45 -1.15 27.69
CA ALA A 266 16.28 -0.10 28.21
C ALA A 266 15.74 1.27 27.81
N GLY A 267 15.69 2.18 28.77
CA GLY A 267 15.23 3.56 28.48
C GLY A 267 13.73 3.71 28.40
N SER A 268 12.97 2.62 28.56
CA SER A 268 11.50 2.68 28.52
C SER A 268 10.94 3.40 29.70
N GLU A 269 9.76 3.93 29.51
CA GLU A 269 8.97 4.60 30.54
CA GLU A 269 9.04 4.51 30.60
C GLU A 269 7.73 3.76 30.83
N LEU A 270 7.43 3.57 32.10
CA LEU A 270 6.23 2.85 32.55
C LEU A 270 5.29 3.84 33.21
N VAL A 271 4.03 3.85 32.74
CA VAL A 271 2.99 4.68 33.31
C VAL A 271 1.86 3.80 33.87
N HIS A 272 1.60 3.94 35.15
CA HIS A 272 0.50 3.29 35.83
C HIS A 272 -0.73 4.21 35.90
N LEU A 273 -1.91 3.64 35.70
CA LEU A 273 -3.15 4.35 35.85
C LEU A 273 -3.86 3.63 37.01
N ASP A 274 -3.90 4.32 38.15
CA ASP A 274 -4.44 3.77 39.37
C ASP A 274 -5.92 3.44 39.20
N ALA A 275 -6.30 2.23 39.54
CA ALA A 275 -7.67 1.75 39.42
C ALA A 275 -8.08 1.67 37.95
N GLY A 276 -7.11 1.52 37.07
CA GLY A 276 -7.41 1.36 35.64
C GLY A 276 -7.71 -0.08 35.29
N THR A 277 -8.73 -0.26 34.45
CA THR A 277 -9.07 -1.56 33.85
C THR A 277 -8.19 -1.81 32.61
N HIS A 278 -8.45 -2.90 31.91
CA HIS A 278 -7.77 -3.16 30.64
C HIS A 278 -7.94 -2.05 29.60
N LEU A 279 -9.00 -1.25 29.69
CA LEU A 279 -9.28 -0.15 28.75
C LEU A 279 -8.75 1.20 29.23
N ALA A 280 -8.04 1.21 30.35
CA ALA A 280 -7.61 2.48 30.97
C ALA A 280 -6.98 3.54 30.07
N PHE A 281 -6.13 3.15 29.14
CA PHE A 281 -5.38 4.13 28.32
C PHE A 281 -6.39 5.00 27.54
N TRP A 282 -7.58 4.47 27.23
CA TRP A 282 -8.62 5.22 26.55
C TRP A 282 -9.72 5.74 27.45
N VAL A 283 -10.03 5.07 28.53
CA VAL A 283 -11.20 5.45 29.32
C VAL A 283 -10.96 5.91 30.77
N HIS A 284 -9.72 5.81 31.27
CA HIS A 284 -9.43 6.19 32.67
C HIS A 284 -9.50 7.70 32.76
N PRO A 285 -9.95 8.25 33.91
CA PRO A 285 -10.12 9.72 33.98
C PRO A 285 -8.85 10.53 33.85
N ASP A 286 -7.70 9.93 34.11
CA ASP A 286 -6.38 10.60 33.98
C ASP A 286 -5.59 10.15 32.75
N SER A 287 -6.29 9.54 31.78
CA SER A 287 -5.64 8.98 30.59
C SER A 287 -5.34 9.99 29.51
N GLY A 288 -5.95 11.16 29.54
CA GLY A 288 -5.74 12.15 28.47
C GLY A 288 -4.28 12.53 28.31
N PRO A 289 -3.58 12.83 29.40
CA PRO A 289 -2.16 13.15 29.29
C PRO A 289 -1.29 12.03 28.78
N VAL A 290 -1.70 10.78 29.06
CA VAL A 290 -0.96 9.61 28.60
C VAL A 290 -1.12 9.43 27.09
N ARG A 291 -2.36 9.60 26.58
CA ARG A 291 -2.55 9.57 25.12
CA ARG A 291 -2.56 9.57 25.12
C ARG A 291 -1.78 10.71 24.41
N ARG A 292 -1.79 11.90 24.98
CA ARG A 292 -1.01 13.03 24.42
C ARG A 292 0.47 12.67 24.37
N ARG A 293 0.99 12.11 25.45
CA ARG A 293 2.40 11.68 25.51
C ARG A 293 2.70 10.60 24.48
N ALA A 294 1.80 9.63 24.39
CA ALA A 294 1.92 8.56 23.38
C ALA A 294 2.01 9.15 21.98
N ALA A 295 1.13 10.07 21.66
CA ALA A 295 1.14 10.71 20.35
C ALA A 295 2.42 11.44 20.09
N GLU A 296 2.91 12.17 21.08
CA GLU A 296 4.16 12.91 20.89
C GLU A 296 5.34 11.96 20.68
N LEU A 297 5.39 10.87 21.44
CA LEU A 297 6.38 9.87 21.21
C LEU A 297 6.29 9.32 19.78
N LEU A 298 5.07 9.00 19.34
CA LEU A 298 4.90 8.34 18.03
C LEU A 298 5.19 9.26 16.85
N ARG A 299 5.11 10.56 17.06
CA ARG A 299 5.49 11.55 16.03
C ARG A 299 7.00 11.46 15.76
N ALA A 300 7.79 11.04 16.75
CA ALA A 300 9.22 10.67 16.57
C ALA A 300 9.95 11.75 15.78
N GLY A 301 9.77 13.00 16.20
CA GLY A 301 10.41 14.15 15.56
C GLY A 301 9.67 14.68 14.34
N GLY A 302 8.55 14.05 13.96
CA GLY A 302 7.63 14.58 12.92
C GLY A 302 6.52 15.45 13.50
N SER B 14 -11.08 -6.44 -12.30
CA SER B 14 -10.07 -6.14 -11.23
C SER B 14 -9.79 -4.62 -11.14
N VAL B 15 -10.49 -3.82 -11.96
CA VAL B 15 -10.38 -2.35 -11.90
C VAL B 15 -11.06 -1.83 -10.65
N GLN B 16 -10.33 -1.04 -9.90
CA GLN B 16 -10.88 -0.42 -8.72
C GLN B 16 -10.84 1.09 -8.86
N THR B 17 -11.89 1.73 -8.36
CA THR B 17 -11.94 3.18 -8.37
C THR B 17 -11.44 3.59 -7.04
N VAL B 18 -10.48 4.47 -7.03
CA VAL B 18 -9.95 5.04 -5.81
C VAL B 18 -10.38 6.49 -5.68
N SER B 19 -11.04 6.83 -4.57
CA SER B 19 -11.48 8.22 -4.36
C SER B 19 -10.32 9.01 -3.82
N THR B 20 -10.20 10.28 -4.23
CA THR B 20 -9.12 11.12 -3.74
C THR B 20 -9.60 12.56 -3.70
N ALA B 21 -8.87 13.40 -3.00
CA ALA B 21 -9.22 14.79 -2.93
C ALA B 21 -8.98 15.51 -4.25
N ARG B 22 -8.34 14.87 -5.22
CA ARG B 22 -8.18 15.50 -6.55
C ARG B 22 -9.18 14.96 -7.58
N GLY B 23 -9.91 13.91 -7.22
CA GLY B 23 -10.81 13.25 -8.13
C GLY B 23 -10.69 11.75 -8.01
N GLU B 24 -11.62 11.04 -8.64
CA GLU B 24 -11.59 9.58 -8.71
C GLU B 24 -10.54 9.14 -9.70
N VAL B 25 -9.90 8.01 -9.44
CA VAL B 25 -8.92 7.46 -10.38
C VAL B 25 -9.01 5.98 -10.35
N ASP B 26 -9.09 5.38 -11.52
CA ASP B 26 -9.17 3.94 -11.65
C ASP B 26 -7.77 3.33 -11.74
N CYS B 27 -7.58 2.17 -11.13
CA CYS B 27 -6.35 1.46 -11.27
C CYS B 27 -6.59 -0.01 -11.12
N VAL B 28 -5.58 -0.79 -11.51
CA VAL B 28 -5.52 -2.24 -11.25
C VAL B 28 -4.21 -2.45 -10.49
N ILE B 29 -4.30 -3.18 -9.38
CA ILE B 29 -3.11 -3.44 -8.60
C ILE B 29 -2.79 -4.92 -8.69
N VAL B 30 -1.58 -5.25 -9.11
CA VAL B 30 -1.17 -6.66 -9.30
C VAL B 30 0.19 -6.94 -8.70
N GLY B 31 0.47 -8.20 -8.38
CA GLY B 31 1.77 -8.53 -7.85
C GLY B 31 1.80 -8.40 -6.33
N ALA B 32 3.00 -8.37 -5.81
CA ALA B 32 3.21 -8.37 -4.35
C ALA B 32 4.58 -7.83 -4.15
N GLY B 33 4.75 -7.00 -3.10
CA GLY B 33 6.10 -6.51 -2.71
C GLY B 33 6.15 -5.01 -2.78
N PRO B 34 7.35 -4.46 -2.92
CA PRO B 34 7.51 -3.00 -3.00
C PRO B 34 6.71 -2.39 -4.15
N PRO B 35 6.22 -1.14 -3.99
CA PRO B 35 5.24 -0.67 -4.93
C PRO B 35 5.83 0.12 -6.09
N VAL B 36 5.21 -0.01 -7.26
CA VAL B 36 5.64 0.73 -8.46
C VAL B 36 4.41 1.27 -9.16
N LEU B 37 4.32 2.58 -9.32
CA LEU B 37 3.34 3.22 -10.16
C LEU B 37 3.67 3.03 -11.63
N VAL B 38 2.75 2.48 -12.41
CA VAL B 38 2.98 2.16 -13.83
C VAL B 38 2.11 3.07 -14.65
N VAL B 39 2.70 3.90 -15.51
CA VAL B 39 2.02 4.97 -16.21
C VAL B 39 2.08 4.76 -17.75
N HIS B 40 0.92 4.49 -18.32
CA HIS B 40 0.77 4.12 -19.71
C HIS B 40 0.90 5.31 -20.65
N GLY B 41 1.09 4.96 -21.93
CA GLY B 41 1.23 5.92 -22.98
C GLY B 41 -0.04 6.40 -23.68
N SER B 42 0.11 6.86 -24.92
CA SER B 42 -0.97 7.57 -25.61
C SER B 42 -1.28 6.94 -26.97
N PRO B 43 -2.44 6.29 -27.16
CA PRO B 43 -3.40 5.95 -26.17
C PRO B 43 -2.91 4.77 -25.32
N GLY B 44 -3.69 4.49 -24.30
CA GLY B 44 -3.40 3.37 -23.43
C GLY B 44 -4.53 3.24 -22.43
N GLY B 45 -4.16 2.70 -21.28
CA GLY B 45 -5.07 2.41 -20.24
C GLY B 45 -4.53 1.22 -19.48
N HIS B 46 -5.34 0.64 -18.63
CA HIS B 46 -4.83 -0.35 -17.67
C HIS B 46 -4.38 -1.61 -18.41
N ASP B 47 -4.95 -1.91 -19.58
CA ASP B 47 -4.49 -3.08 -20.33
CA ASP B 47 -4.48 -3.07 -20.37
C ASP B 47 -3.04 -2.90 -20.82
N ALA B 48 -2.71 -1.73 -21.34
CA ALA B 48 -1.34 -1.42 -21.71
C ALA B 48 -0.43 -1.40 -20.48
N GLY B 49 -0.91 -0.83 -19.39
CA GLY B 49 -0.08 -0.72 -18.20
C GLY B 49 0.17 -2.10 -17.63
N LEU B 50 -0.82 -2.96 -17.63
CA LEU B 50 -0.64 -4.32 -17.16
C LEU B 50 0.41 -5.11 -17.94
N ALA B 51 0.38 -4.97 -19.26
CA ALA B 51 1.41 -5.54 -20.12
C ALA B 51 2.80 -5.00 -19.77
N ALA B 53 3.70 -3.97 -16.91
CA ALA B 53 4.02 -4.34 -15.53
C ALA B 53 4.36 -5.82 -15.33
N ARG B 54 4.13 -6.67 -16.33
CA ARG B 54 4.31 -8.12 -16.08
CA ARG B 54 4.31 -8.12 -16.11
C ARG B 54 5.71 -8.44 -15.58
N PHE B 55 6.74 -7.75 -16.11
CA PHE B 55 8.09 -8.08 -15.68
C PHE B 55 8.31 -7.70 -14.20
N LEU B 56 7.63 -6.64 -13.75
CA LEU B 56 7.69 -6.20 -12.33
C LEU B 56 7.08 -7.26 -11.40
N VAL B 57 5.93 -7.77 -11.78
CA VAL B 57 5.27 -8.81 -11.00
C VAL B 57 6.15 -10.00 -10.89
N ALA B 58 6.79 -10.40 -12.01
CA ALA B 58 7.67 -11.57 -11.99
C ALA B 58 8.92 -11.33 -11.11
N GLU B 59 9.30 -10.07 -10.94
CA GLU B 59 10.42 -9.66 -10.10
C GLU B 59 10.02 -9.38 -8.66
N GLY B 60 8.79 -9.67 -8.25
CA GLY B 60 8.46 -9.51 -6.83
C GLY B 60 8.24 -8.09 -6.41
N LEU B 61 7.58 -7.35 -7.29
CA LEU B 61 7.10 -6.03 -7.00
C LEU B 61 5.59 -5.99 -7.21
N ARG B 62 4.97 -4.99 -6.61
CA ARG B 62 3.57 -4.76 -6.74
C ARG B 62 3.35 -3.53 -7.62
N ALA B 63 2.60 -3.72 -8.71
CA ALA B 63 2.39 -2.67 -9.67
C ALA B 63 1.01 -2.05 -9.52
N ILE B 64 0.98 -0.74 -9.38
CA ILE B 64 -0.24 0.04 -9.33
C ILE B 64 -0.42 0.66 -10.72
N VAL B 65 -1.34 0.12 -11.49
CA VAL B 65 -1.46 0.50 -12.91
C VAL B 65 -2.65 1.43 -13.04
N VAL B 66 -2.41 2.70 -13.37
CA VAL B 66 -3.50 3.66 -13.45
C VAL B 66 -4.11 3.69 -14.84
N ASP B 67 -5.38 4.05 -14.89
CA ASP B 67 -6.00 4.65 -16.09
C ASP B 67 -5.86 6.14 -15.97
N ARG B 68 -5.09 6.76 -16.86
CA ARG B 68 -4.91 8.22 -16.77
C ARG B 68 -6.22 8.92 -17.15
N PRO B 69 -6.42 10.16 -16.71
CA PRO B 69 -7.64 10.89 -17.02
C PRO B 69 -8.01 10.85 -18.50
N GLY B 70 -9.28 10.55 -18.77
CA GLY B 70 -9.80 10.50 -20.10
C GLY B 70 -9.73 9.09 -20.68
N TYR B 71 -9.08 8.17 -19.98
CA TYR B 71 -9.00 6.78 -20.41
C TYR B 71 -9.87 5.89 -19.55
N PHE B 72 -10.74 5.11 -20.18
CA PHE B 72 -11.63 4.22 -19.52
C PHE B 72 -12.39 4.93 -18.41
N GLY B 73 -12.29 4.44 -17.19
CA GLY B 73 -13.15 4.95 -16.10
C GLY B 73 -12.66 6.20 -15.39
N THR B 74 -11.44 6.66 -15.67
CA THR B 74 -10.92 7.86 -15.00
C THR B 74 -11.39 9.14 -15.73
N PRO B 75 -12.19 9.95 -15.08
CA PRO B 75 -12.67 11.13 -15.84
C PRO B 75 -11.56 12.06 -16.14
N LEU B 76 -11.74 12.78 -17.23
CA LEU B 76 -10.76 13.79 -17.57
C LEU B 76 -10.62 14.85 -16.50
N GLY B 77 -11.74 15.19 -15.83
CA GLY B 77 -11.69 16.25 -14.79
C GLY B 77 -10.75 15.92 -13.63
N SER B 78 -10.42 14.65 -13.44
CA SER B 78 -9.43 14.23 -12.42
C SER B 78 -8.00 14.71 -12.67
N GLY B 79 -7.72 15.15 -13.91
CA GLY B 79 -6.47 15.82 -14.18
C GLY B 79 -6.20 15.98 -15.66
N VAL B 80 -6.25 17.19 -16.11
CA VAL B 80 -6.16 17.44 -17.55
C VAL B 80 -4.72 17.60 -17.98
N THR B 81 -4.00 18.52 -17.34
CA THR B 81 -2.61 18.72 -17.69
C THR B 81 -1.67 17.63 -17.10
N PRO B 82 -0.44 17.51 -17.63
CA PRO B 82 0.52 16.58 -17.03
C PRO B 82 0.75 16.89 -15.57
N ASP B 83 0.82 18.18 -15.21
CA ASP B 83 1.02 18.53 -13.82
CA ASP B 83 1.02 18.55 -13.81
C ASP B 83 -0.17 18.16 -12.92
N GLU B 84 -1.40 18.31 -13.44
CA GLU B 84 -2.63 17.86 -12.72
C GLU B 84 -2.67 16.33 -12.59
N GLN B 85 -2.17 15.64 -13.62
CA GLN B 85 -2.11 14.16 -13.54
C GLN B 85 -1.10 13.73 -12.47
N ALA B 86 0.01 14.43 -12.36
CA ALA B 86 0.98 14.16 -11.26
C ALA B 86 0.35 14.36 -9.90
N GLU B 87 -0.40 15.45 -9.76
CA GLU B 87 -1.09 15.68 -8.50
C GLU B 87 -2.09 14.60 -8.15
N LEU B 88 -2.79 14.09 -9.17
CA LEU B 88 -3.67 12.95 -9.00
C LEU B 88 -2.91 11.73 -8.52
N TYR B 89 -1.72 11.50 -9.06
CA TYR B 89 -0.94 10.32 -8.61
C TYR B 89 -0.52 10.48 -7.13
N ALA B 90 -0.10 11.67 -6.74
CA ALA B 90 0.24 11.91 -5.35
C ALA B 90 -0.99 11.67 -4.41
N ALA B 91 -2.17 12.11 -4.82
CA ALA B 91 -3.36 11.88 -4.05
C ALA B 91 -3.71 10.42 -3.99
N LEU B 92 -3.48 9.70 -5.10
CA LEU B 92 -3.66 8.27 -5.16
C LEU B 92 -2.72 7.56 -4.17
N PHE B 93 -1.47 8.03 -4.10
CA PHE B 93 -0.50 7.42 -3.17
C PHE B 93 -1.05 7.63 -1.75
N ASP B 94 -1.54 8.83 -1.48
CA ASP B 94 -2.12 9.13 -0.16
C ASP B 94 -3.26 8.14 0.17
N ALA B 95 -4.18 7.94 -0.78
CA ALA B 95 -5.33 7.04 -0.55
C ALA B 95 -4.93 5.60 -0.30
N LEU B 96 -3.84 5.18 -0.95
CA LEU B 96 -3.32 3.88 -0.83
C LEU B 96 -2.41 3.65 0.39
N GLY B 97 -2.03 4.76 1.03
CA GLY B 97 -1.10 4.75 2.17
C GLY B 97 0.38 4.56 1.86
N LEU B 98 0.76 4.89 0.62
CA LEU B 98 2.13 4.71 0.17
C LEU B 98 2.90 5.89 0.69
N ALA B 99 4.07 5.66 1.25
CA ALA B 99 5.00 6.74 1.52
C ALA B 99 5.69 7.20 0.22
N ALA B 100 6.26 6.25 -0.50
CA ALA B 100 6.97 6.48 -1.79
C ALA B 100 6.87 5.22 -2.60
N ALA B 101 6.93 5.38 -3.91
CA ALA B 101 6.89 4.24 -4.80
C ALA B 101 7.90 4.43 -5.94
N GLY B 102 8.27 3.33 -6.57
CA GLY B 102 8.93 3.41 -7.90
C GLY B 102 7.94 3.95 -8.93
N VAL B 103 8.45 4.49 -10.04
CA VAL B 103 7.61 4.98 -11.12
C VAL B 103 8.20 4.41 -12.39
N LEU B 104 7.39 3.65 -13.13
CA LEU B 104 7.75 3.19 -14.48
C LEU B 104 6.83 3.88 -15.50
N CYS B 105 7.38 4.64 -16.46
CA CYS B 105 6.59 5.22 -17.50
C CYS B 105 7.15 4.87 -18.88
N TRP B 106 6.30 5.01 -19.87
CA TRP B 106 6.64 4.82 -21.27
C TRP B 106 5.92 5.81 -22.08
N SER B 107 6.60 6.40 -23.07
CA SER B 107 5.90 7.13 -24.13
C SER B 107 5.12 8.34 -23.59
N GLY B 108 3.85 8.43 -23.89
CA GLY B 108 3.02 9.51 -23.37
C GLY B 108 2.79 9.49 -21.86
N GLY B 109 3.25 8.45 -21.16
CA GLY B 109 3.28 8.48 -19.71
C GLY B 109 4.34 9.38 -19.11
N GLY B 110 5.28 9.83 -19.95
CA GLY B 110 6.39 10.63 -19.52
C GLY B 110 5.97 11.90 -18.81
N PRO B 111 5.18 12.76 -19.45
CA PRO B 111 5.04 14.13 -18.90
C PRO B 111 4.49 14.15 -17.48
N SER B 112 3.45 13.35 -17.23
CA SER B 112 2.89 13.30 -15.91
C SER B 112 3.89 12.67 -14.89
N SER B 113 4.61 11.61 -15.28
CA SER B 113 5.60 10.97 -14.42
C SER B 113 6.73 11.90 -14.10
N TYR B 114 7.22 12.61 -15.10
CA TYR B 114 8.26 13.60 -14.82
C TYR B 114 7.77 14.70 -13.84
N ARG B 115 6.54 15.18 -14.03
CA ARG B 115 6.03 16.19 -13.09
C ARG B 115 5.92 15.62 -11.69
N LEU B 116 5.50 14.36 -11.56
CA LEU B 116 5.45 13.75 -10.23
C LEU B 116 6.82 13.69 -9.56
N ALA B 117 7.82 13.28 -10.29
CA ALA B 117 9.18 13.20 -9.73
C ALA B 117 9.79 14.58 -9.41
N ALA B 118 9.42 15.58 -10.20
CA ALA B 118 9.92 16.93 -10.01
C ALA B 118 9.29 17.60 -8.79
N ARG B 119 7.97 17.51 -8.63
CA ARG B 119 7.22 18.19 -7.57
C ARG B 119 7.05 17.40 -6.29
N HIS B 120 7.00 16.08 -6.38
CA HIS B 120 6.84 15.23 -5.24
C HIS B 120 8.02 14.26 -5.08
N PRO B 121 9.26 14.79 -4.95
CA PRO B 121 10.41 13.87 -4.91
C PRO B 121 10.44 12.92 -3.73
N ASP B 122 9.81 13.31 -2.62
CA ASP B 122 9.78 12.42 -1.46
CA ASP B 122 9.71 12.49 -1.43
C ASP B 122 8.86 11.25 -1.67
N ARG B 123 8.05 11.26 -2.76
CA ARG B 123 7.15 10.19 -3.08
C ARG B 123 7.66 9.22 -4.16
N VAL B 124 8.84 9.49 -4.71
CA VAL B 124 9.36 8.73 -5.82
C VAL B 124 10.67 8.09 -5.47
N ARG B 125 10.62 6.77 -5.33
CA ARG B 125 11.82 5.97 -4.93
CA ARG B 125 11.80 6.01 -4.90
C ARG B 125 12.85 5.90 -6.01
N ALA B 126 12.36 5.78 -7.22
CA ALA B 126 13.18 5.66 -8.45
C ALA B 126 12.26 5.86 -9.64
N LEU B 127 12.84 6.24 -10.76
CA LEU B 127 12.10 6.51 -11.98
C LEU B 127 12.77 5.75 -13.13
N VAL B 128 11.97 4.93 -13.82
CA VAL B 128 12.41 4.24 -15.03
C VAL B 128 11.56 4.80 -16.14
N SER B 129 12.23 5.48 -17.08
CA SER B 129 11.53 6.22 -18.09
C SER B 129 11.90 5.72 -19.44
N VAL B 130 10.96 5.00 -20.05
CA VAL B 130 11.16 4.29 -21.29
C VAL B 130 10.65 5.09 -22.49
N ALA B 131 11.55 5.50 -23.40
CA ALA B 131 11.14 6.22 -24.64
C ALA B 131 10.00 7.20 -24.41
N ALA B 132 10.24 8.15 -23.49
CA ALA B 132 9.18 8.90 -22.90
C ALA B 132 9.20 10.33 -23.34
N VAL B 133 8.01 10.87 -23.58
CA VAL B 133 7.88 12.27 -23.97
C VAL B 133 8.39 13.17 -22.84
N SER B 134 9.40 14.01 -23.14
CA SER B 134 10.09 14.78 -22.11
C SER B 134 10.05 16.28 -22.44
N HIS B 135 9.47 16.63 -23.58
CA HIS B 135 9.31 18.03 -24.00
C HIS B 135 8.20 18.10 -25.06
N ARG B 136 7.94 19.26 -25.67
CA ARG B 136 6.93 19.31 -26.77
C ARG B 136 6.98 18.15 -27.81
N TYR B 137 5.80 17.64 -28.15
CA TYR B 137 5.67 16.43 -28.98
CA TYR B 137 5.69 16.46 -29.02
C TYR B 137 4.42 16.56 -29.84
N HIS B 138 4.55 16.28 -31.14
CA HIS B 138 3.44 16.30 -32.11
C HIS B 138 3.21 14.87 -32.63
N PHE B 139 1.96 14.43 -32.66
CA PHE B 139 1.64 13.11 -33.16
CA PHE B 139 1.57 13.12 -33.18
C PHE B 139 1.65 13.18 -34.69
N ASP B 140 2.12 12.12 -35.35
CA ASP B 140 1.98 12.08 -36.82
C ASP B 140 0.51 11.76 -37.10
N GLY B 141 -0.06 12.42 -38.10
CA GLY B 141 -1.40 12.08 -38.55
C GLY B 141 -1.52 10.62 -38.93
N GLU B 142 -2.74 10.13 -38.93
CA GLU B 142 -3.04 8.83 -39.48
C GLU B 142 -3.97 9.10 -40.64
N LYS B 143 -3.87 8.25 -41.65
CA LYS B 143 -4.75 8.34 -42.81
C LYS B 143 -4.88 6.97 -43.46
N GLY B 144 -5.89 6.82 -44.34
CA GLY B 144 -6.13 5.58 -45.07
C GLY B 144 -6.59 4.43 -44.19
N ALA B 145 -6.04 3.24 -44.45
CA ALA B 145 -6.39 2.03 -43.68
C ALA B 145 -6.04 2.16 -42.20
N GLU B 146 -4.90 2.80 -41.94
CA GLU B 146 -4.40 3.02 -40.60
C GLU B 146 -5.38 3.83 -39.76
N LYS B 147 -5.97 4.87 -40.34
CA LYS B 147 -6.94 5.68 -39.63
C LYS B 147 -8.17 4.85 -39.23
N VAL B 148 -8.63 3.97 -40.09
CA VAL B 148 -9.81 3.15 -39.79
C VAL B 148 -9.45 2.17 -38.67
N LEU B 149 -8.27 1.60 -38.79
CA LEU B 149 -7.83 0.54 -37.90
C LEU B 149 -7.56 1.06 -36.48
N GLY B 151 -8.49 4.20 -35.40
CA GLY B 151 -9.41 5.27 -34.98
C GLY B 151 -10.89 4.90 -34.81
N THR B 152 -11.27 3.64 -35.07
CA THR B 152 -12.68 3.24 -35.01
C THR B 152 -12.88 2.00 -34.17
N GLY B 153 -14.08 1.82 -33.64
CA GLY B 153 -14.45 0.62 -32.94
C GLY B 153 -14.30 -0.66 -33.78
N LEU B 154 -14.70 -0.61 -35.04
CA LEU B 154 -14.56 -1.78 -35.92
C LEU B 154 -13.07 -2.10 -36.08
N GLY B 155 -12.25 -1.05 -36.22
CA GLY B 155 -10.80 -1.20 -36.29
C GLY B 155 -10.23 -1.92 -35.06
N ARG B 156 -10.72 -1.55 -33.89
CA ARG B 156 -10.34 -2.23 -32.64
C ARG B 156 -10.71 -3.70 -32.68
N ARG B 157 -11.89 -3.98 -33.16
CA ARG B 157 -12.33 -5.39 -33.26
C ARG B 157 -11.48 -6.18 -34.24
N LEU B 159 -8.25 -5.51 -34.85
CA LEU B 159 -6.98 -5.70 -34.14
C LEU B 159 -7.09 -6.88 -33.17
N GLN B 160 -8.19 -6.96 -32.44
CA GLN B 160 -8.44 -8.08 -31.53
C GLN B 160 -8.51 -9.41 -32.23
N LEU B 161 -9.17 -9.48 -33.38
CA LEU B 161 -9.22 -10.72 -34.16
CA LEU B 161 -9.20 -10.73 -34.17
C LEU B 161 -7.80 -11.08 -34.65
N ALA B 163 -4.94 -10.23 -33.28
CA ALA B 163 -4.10 -10.60 -32.11
C ALA B 163 -4.36 -12.04 -31.68
N ALA B 164 -5.63 -12.45 -31.78
CA ALA B 164 -6.04 -13.80 -31.43
C ALA B 164 -5.69 -14.80 -32.46
N HIS B 165 -5.79 -14.45 -33.74
CA HIS B 165 -5.78 -15.47 -34.78
C HIS B 165 -4.79 -15.32 -35.94
N THR B 166 -4.26 -14.09 -36.17
CA THR B 166 -3.13 -13.90 -37.07
C THR B 166 -2.03 -13.12 -36.30
N PRO B 167 -1.56 -13.66 -35.17
CA PRO B 167 -0.62 -12.91 -34.35
C PRO B 167 0.70 -12.50 -35.04
N GLU B 168 1.27 -13.39 -35.84
CA GLU B 168 2.54 -13.04 -36.46
C GLU B 168 2.39 -11.83 -37.40
N LYS B 169 1.27 -11.74 -38.14
CA LYS B 169 1.02 -10.55 -39.00
CA LYS B 169 1.01 -10.55 -39.00
C LYS B 169 0.91 -9.29 -38.17
N LEU B 170 0.25 -9.39 -37.02
CA LEU B 170 0.12 -8.24 -36.17
C LEU B 170 1.46 -7.83 -35.53
N VAL B 171 2.24 -8.82 -35.08
CA VAL B 171 3.57 -8.51 -34.52
C VAL B 171 4.41 -7.81 -35.57
N SER B 172 4.40 -8.34 -36.78
CA SER B 172 5.22 -7.76 -37.90
C SER B 172 4.78 -6.32 -38.19
N ALA B 173 3.48 -6.10 -38.29
CA ALA B 173 2.96 -4.73 -38.52
C ALA B 173 3.32 -3.78 -37.39
N THR B 174 3.31 -4.28 -36.17
CA THR B 174 3.67 -3.47 -34.98
C THR B 174 5.14 -3.09 -34.94
N ILE B 175 6.02 -4.07 -35.13
CA ILE B 175 7.44 -3.80 -35.12
C ILE B 175 7.80 -2.84 -36.27
N ALA B 176 7.20 -3.00 -37.45
CA ALA B 176 7.49 -2.11 -38.57
C ALA B 176 7.06 -0.70 -38.25
N ALA B 177 5.86 -0.58 -37.70
CA ALA B 177 5.25 0.74 -37.43
C ALA B 177 6.01 1.51 -36.37
N GLU B 178 6.66 0.78 -35.45
CA GLU B 178 7.27 1.38 -34.24
C GLU B 178 8.78 1.60 -34.32
N GLY B 179 9.36 1.34 -35.48
CA GLY B 179 10.78 1.63 -35.67
C GLY B 179 11.12 2.02 -37.08
N HIS B 180 12.39 2.39 -37.29
CA HIS B 180 12.93 2.74 -38.60
C HIS B 180 13.73 1.58 -39.14
N LEU B 181 13.39 0.37 -38.75
CA LEU B 181 14.12 -0.81 -39.23
C LEU B 181 13.89 -1.15 -40.70
N SER B 182 14.94 -1.72 -41.33
CA SER B 182 14.82 -2.41 -42.60
C SER B 182 13.84 -3.56 -42.51
N LYS B 183 13.27 -3.94 -43.67
CA LYS B 183 12.34 -5.06 -43.72
CA LYS B 183 12.34 -5.06 -43.69
C LYS B 183 13.02 -6.32 -43.20
N GLU B 184 14.30 -6.47 -43.53
CA GLU B 184 15.09 -7.63 -43.06
CA GLU B 184 15.08 -7.62 -43.07
C GLU B 184 15.23 -7.62 -41.52
N HIS B 185 15.55 -6.48 -40.91
CA HIS B 185 15.70 -6.37 -39.45
CA HIS B 185 15.72 -6.47 -39.44
C HIS B 185 14.36 -6.53 -38.73
N VAL B 186 13.28 -5.99 -39.33
CA VAL B 186 11.93 -6.18 -38.78
C VAL B 186 11.65 -7.72 -38.72
N ALA B 187 11.95 -8.40 -39.82
CA ALA B 187 11.65 -9.87 -39.89
C ALA B 187 12.45 -10.63 -38.82
N GLU B 188 13.70 -10.25 -38.65
CA GLU B 188 14.54 -10.84 -37.59
C GLU B 188 13.95 -10.62 -36.18
N ARG B 189 13.55 -9.39 -35.87
CA ARG B 189 12.95 -9.08 -34.61
C ARG B 189 11.66 -9.86 -34.44
N VAL B 190 10.87 -9.96 -35.49
CA VAL B 190 9.60 -10.67 -35.41
C VAL B 190 9.87 -12.13 -35.10
N ALA B 191 10.89 -12.69 -35.75
CA ALA B 191 11.20 -14.11 -35.49
C ALA B 191 11.63 -14.32 -34.03
N GLN B 192 12.43 -13.39 -33.49
CA GLN B 192 12.82 -13.45 -32.06
C GLN B 192 11.60 -13.37 -31.13
N ILE B 193 10.64 -12.53 -31.47
CA ILE B 193 9.44 -12.34 -30.67
C ILE B 193 8.59 -13.62 -30.72
N ALA B 195 9.51 -16.47 -31.10
CA ALA B 195 10.19 -17.55 -30.36
C ALA B 195 10.10 -17.40 -28.85
N ASP B 196 9.57 -16.27 -28.36
CA ASP B 196 9.53 -16.00 -26.93
C ASP B 196 8.09 -15.58 -26.61
N PRO B 197 7.31 -16.50 -26.05
CA PRO B 197 5.91 -16.14 -25.82
C PRO B 197 5.65 -14.92 -24.92
N ASP B 198 6.54 -14.59 -23.99
CA ASP B 198 6.38 -13.39 -23.15
CA ASP B 198 6.35 -13.39 -23.14
C ASP B 198 6.41 -12.17 -24.05
N LYS B 199 7.33 -12.16 -25.00
CA LYS B 199 7.50 -10.98 -25.90
C LYS B 199 6.33 -10.91 -26.88
N GLU B 200 5.90 -12.06 -27.39
CA GLU B 200 4.76 -12.11 -28.31
C GLU B 200 3.51 -11.50 -27.62
N ARG B 201 3.25 -11.95 -26.38
CA ARG B 201 2.11 -11.51 -25.62
C ARG B 201 2.19 -9.98 -25.41
N PHE B 202 3.33 -9.50 -25.00
CA PHE B 202 3.45 -8.05 -24.80
C PHE B 202 3.10 -7.32 -26.11
N THR B 203 3.69 -7.76 -27.20
CA THR B 203 3.53 -7.05 -28.51
C THR B 203 2.05 -7.02 -28.90
N LEU B 204 1.38 -8.15 -28.76
CA LEU B 204 -0.01 -8.25 -29.18
C LEU B 204 -0.87 -7.37 -28.30
N GLU B 205 -0.63 -7.36 -26.99
CA GLU B 205 -1.42 -6.54 -26.10
C GLU B 205 -1.26 -5.07 -26.42
N LEU B 206 -0.04 -4.68 -26.69
CA LEU B 206 0.21 -3.23 -27.00
C LEU B 206 -0.29 -2.85 -28.38
N ALA B 207 -0.25 -3.78 -29.32
CA ALA B 207 -0.86 -3.52 -30.65
C ALA B 207 -2.34 -3.13 -30.58
N VAL B 208 -3.08 -3.86 -29.77
CA VAL B 208 -4.50 -3.62 -29.61
C VAL B 208 -4.76 -2.34 -28.88
N SER B 209 -3.94 -2.03 -27.88
CA SER B 209 -4.05 -0.84 -27.06
CA SER B 209 -4.14 -0.84 -27.07
C SER B 209 -3.76 0.45 -27.81
N ALA B 210 -3.16 0.33 -28.99
CA ALA B 210 -2.83 1.51 -29.80
C ALA B 210 -4.04 2.15 -30.45
N ASN B 211 -5.17 1.43 -30.49
CA ASN B 211 -6.37 2.00 -31.05
C ASN B 211 -6.95 3.00 -30.08
N HIS B 212 -7.23 4.23 -30.55
CA HIS B 212 -7.63 5.33 -29.64
C HIS B 212 -9.13 5.65 -29.72
N SER B 213 -9.93 4.78 -30.32
CA SER B 213 -11.38 4.98 -30.36
C SER B 213 -12.04 4.71 -29.00
N GLY B 214 -13.29 5.13 -28.94
CA GLY B 214 -14.20 4.81 -27.85
C GLY B 214 -13.70 5.33 -26.51
N PRO B 215 -13.52 4.42 -25.54
CA PRO B 215 -13.12 4.83 -24.19
C PRO B 215 -11.70 5.37 -24.05
N ARG B 216 -10.89 5.33 -25.11
CA ARG B 216 -9.56 5.92 -25.08
C ARG B 216 -9.53 7.29 -25.76
N LYS B 217 -10.64 7.67 -26.42
CA LYS B 217 -10.61 8.87 -27.27
C LYS B 217 -10.39 10.14 -26.47
N ALA B 218 -11.10 10.30 -25.34
CA ALA B 218 -10.98 11.59 -24.61
C ALA B 218 -9.56 11.83 -24.12
N GLY B 219 -8.98 10.80 -23.56
CA GLY B 219 -7.59 10.83 -22.99
C GLY B 219 -6.57 11.04 -24.10
N PHE B 220 -6.77 10.37 -25.23
CA PHE B 220 -5.85 10.50 -26.39
C PHE B 220 -5.89 11.93 -26.96
N ASP B 221 -7.07 12.46 -27.23
CA ASP B 221 -7.22 13.83 -27.73
C ASP B 221 -6.61 14.82 -26.74
N ASN B 222 -6.86 14.61 -25.46
CA ASN B 222 -6.29 15.46 -24.43
C ASN B 222 -4.76 15.41 -24.39
N ASP B 223 -4.20 14.22 -24.53
CA ASP B 223 -2.75 14.04 -24.56
C ASP B 223 -2.14 14.76 -25.78
N ASP B 225 -3.34 17.30 -27.39
CA ASP B 225 -3.46 18.74 -27.11
CA ASP B 225 -3.50 18.73 -27.10
C ASP B 225 -2.42 19.19 -26.11
N GLN B 226 -2.27 18.46 -25.02
CA GLN B 226 -1.34 18.86 -23.96
C GLN B 226 0.11 18.75 -24.43
N PHE B 227 0.47 17.67 -25.11
CA PHE B 227 1.89 17.47 -25.49
C PHE B 227 2.38 18.51 -26.46
N ALA B 228 1.47 18.98 -27.32
CA ALA B 228 1.82 20.03 -28.27
C ALA B 228 2.18 21.31 -27.61
N ARG B 229 1.82 21.50 -26.35
CA ARG B 229 2.03 22.76 -25.63
C ARG B 229 2.92 22.64 -24.39
N ILE B 230 3.65 21.54 -24.25
CA ILE B 230 4.61 21.36 -23.12
C ILE B 230 5.70 22.44 -23.26
N ASP B 231 5.89 23.32 -22.26
CA ASP B 231 7.07 24.23 -22.23
CA ASP B 231 7.08 24.21 -22.27
C ASP B 231 8.23 23.50 -21.54
N SER B 232 8.29 23.51 -20.21
CA SER B 232 9.36 22.83 -19.52
C SER B 232 8.74 22.03 -18.41
N LEU B 233 9.05 20.74 -18.41
CA LEU B 233 8.58 19.90 -17.32
C LEU B 233 9.55 19.92 -16.12
N GLU B 234 10.63 20.70 -16.18
CA GLU B 234 11.58 20.83 -15.06
C GLU B 234 12.23 19.52 -14.64
N LEU B 235 12.66 18.75 -15.63
CA LEU B 235 13.32 17.48 -15.36
C LEU B 235 14.56 17.73 -14.50
N ASP B 236 15.15 18.91 -14.58
CA ASP B 236 16.33 19.16 -13.79
CA ASP B 236 16.32 19.26 -13.78
C ASP B 236 16.09 19.23 -12.27
N ARG B 237 14.83 19.32 -11.84
CA ARG B 237 14.52 19.24 -10.41
C ARG B 237 14.49 17.82 -9.88
N ILE B 238 14.53 16.82 -10.76
CA ILE B 238 14.34 15.42 -10.35
C ILE B 238 15.59 14.95 -9.64
N THR B 239 15.40 14.37 -8.45
CA THR B 239 16.50 13.85 -7.66
C THR B 239 16.44 12.34 -7.50
N ALA B 240 15.37 11.73 -7.95
CA ALA B 240 15.26 10.26 -7.92
C ALA B 240 16.37 9.59 -8.73
N PRO B 241 16.87 8.45 -8.24
CA PRO B 241 17.64 7.59 -9.18
C PRO B 241 16.80 7.31 -10.41
N THR B 242 17.39 7.45 -11.61
CA THR B 242 16.60 7.43 -12.83
C THR B 242 17.37 6.66 -13.89
N LEU B 243 16.65 5.76 -14.52
CA LEU B 243 17.13 4.98 -15.68
C LEU B 243 16.28 5.40 -16.86
N VAL B 244 16.94 5.85 -17.93
CA VAL B 244 16.30 6.28 -19.15
C VAL B 244 16.63 5.27 -20.23
N VAL B 245 15.62 4.75 -20.91
CA VAL B 245 15.85 3.65 -21.88
C VAL B 245 15.36 4.02 -23.25
N SER B 246 16.24 3.92 -24.23
CA SER B 246 15.87 4.27 -25.60
C SER B 246 16.33 3.23 -26.58
N GLY B 247 15.45 2.92 -27.54
CA GLY B 247 15.81 2.14 -28.71
C GLY B 247 16.28 3.05 -29.82
N THR B 248 17.40 2.71 -30.45
CA THR B 248 18.05 3.64 -31.38
C THR B 248 17.23 3.83 -32.65
N ALA B 249 16.38 2.86 -32.99
CA ALA B 249 15.55 2.92 -34.17
C ALA B 249 14.11 3.30 -33.88
N ASP B 250 13.83 3.81 -32.70
CA ASP B 250 12.48 4.22 -32.30
C ASP B 250 11.97 5.33 -33.25
N SER B 251 10.87 5.06 -33.93
CA SER B 251 10.23 6.04 -34.79
C SER B 251 9.00 6.69 -34.18
N ASP B 252 8.67 6.33 -32.97
CA ASP B 252 7.42 6.80 -32.32
C ASP B 252 7.79 8.00 -31.41
N VAL B 253 8.68 7.71 -30.45
CA VAL B 253 9.30 8.76 -29.64
C VAL B 253 10.80 8.77 -29.91
N ASP B 254 11.26 9.81 -30.61
CA ASP B 254 12.63 9.84 -31.09
C ASP B 254 13.63 9.72 -29.92
N PRO B 255 14.78 9.06 -30.14
CA PRO B 255 15.77 8.94 -29.05
C PRO B 255 16.23 10.31 -28.50
N GLU B 256 16.05 11.39 -29.27
CA GLU B 256 16.42 12.72 -28.74
C GLU B 256 15.66 13.03 -27.44
N PHE B 257 14.40 12.58 -27.32
CA PHE B 257 13.67 12.84 -26.09
C PHE B 257 14.38 12.23 -24.87
N SER B 258 14.93 11.03 -25.05
CA SER B 258 15.65 10.34 -23.98
C SER B 258 17.03 10.97 -23.73
N ARG B 259 17.73 11.41 -24.78
CA ARG B 259 18.98 12.14 -24.62
C ARG B 259 18.76 13.41 -23.79
N PHE B 260 17.70 14.12 -24.11
CA PHE B 260 17.29 15.32 -23.36
C PHE B 260 17.01 15.01 -21.91
N ALA B 261 16.21 13.97 -21.64
CA ALA B 261 15.83 13.64 -20.26
C ALA B 261 17.11 13.29 -19.48
N ALA B 262 18.01 12.51 -20.06
CA ALA B 262 19.21 12.08 -19.35
C ALA B 262 20.13 13.24 -19.08
N ALA B 263 20.23 14.16 -20.04
CA ALA B 263 20.99 15.40 -19.86
C ALA B 263 20.48 16.26 -18.73
N GLN B 264 19.17 16.31 -18.59
CA GLN B 264 18.54 17.17 -17.59
C GLN B 264 18.54 16.59 -16.19
N ILE B 265 18.42 15.28 -16.08
CA ILE B 265 18.24 14.64 -14.77
C ILE B 265 19.61 14.25 -14.26
N ALA B 266 20.13 15.02 -13.29
CA ALA B 266 21.48 14.79 -12.78
C ALA B 266 21.55 13.36 -12.22
N GLY B 267 22.65 12.68 -12.47
CA GLY B 267 22.79 11.28 -11.97
C GLY B 267 22.04 10.20 -12.72
N SER B 268 21.20 10.56 -13.70
CA SER B 268 20.49 9.54 -14.52
C SER B 268 21.43 8.67 -15.34
N GLU B 269 20.98 7.46 -15.63
CA GLU B 269 21.76 6.55 -16.48
C GLU B 269 20.93 6.41 -17.75
N LEU B 270 21.58 6.55 -18.90
CA LEU B 270 20.92 6.33 -20.19
C LEU B 270 21.39 5.01 -20.76
N VAL B 271 20.46 4.17 -21.17
CA VAL B 271 20.72 2.89 -21.82
C VAL B 271 20.13 2.91 -23.21
N HIS B 272 20.96 2.58 -24.21
CA HIS B 272 20.47 2.43 -25.56
C HIS B 272 20.38 0.97 -25.92
N LEU B 273 19.34 0.65 -26.66
CA LEU B 273 19.18 -0.66 -27.22
C LEU B 273 19.33 -0.57 -28.74
N ASP B 274 20.40 -1.22 -29.23
CA ASP B 274 20.85 -1.07 -30.62
C ASP B 274 19.78 -1.59 -31.55
N ALA B 275 19.35 -0.76 -32.47
CA ALA B 275 18.31 -1.13 -33.43
C ALA B 275 16.98 -1.42 -32.79
N GLY B 276 16.71 -0.77 -31.66
CA GLY B 276 15.50 -1.02 -30.97
C GLY B 276 14.38 -0.11 -31.43
N THR B 277 13.20 -0.72 -31.51
CA THR B 277 11.94 -0.01 -31.78
C THR B 277 11.38 0.64 -30.50
N HIS B 278 10.20 1.23 -30.58
CA HIS B 278 9.57 1.85 -29.41
C HIS B 278 9.30 0.82 -28.33
N LEU B 279 9.20 -0.44 -28.71
CA LEU B 279 8.91 -1.51 -27.74
C LEU B 279 10.16 -2.19 -27.18
N ALA B 280 11.35 -1.70 -27.57
CA ALA B 280 12.64 -2.33 -27.23
C ALA B 280 12.85 -2.79 -25.82
N PHE B 281 12.42 -2.02 -24.84
CA PHE B 281 12.65 -2.36 -23.43
C PHE B 281 12.03 -3.72 -23.07
N TRP B 282 10.95 -4.05 -23.75
CA TRP B 282 10.29 -5.34 -23.54
C TRP B 282 10.64 -6.44 -24.57
N VAL B 283 10.87 -6.09 -25.82
CA VAL B 283 11.02 -7.09 -26.89
C VAL B 283 12.39 -7.20 -27.57
N HIS B 284 13.33 -6.32 -27.26
CA HIS B 284 14.64 -6.37 -27.90
C HIS B 284 15.45 -7.54 -27.30
N PRO B 285 16.32 -8.17 -28.12
CA PRO B 285 16.98 -9.38 -27.62
C PRO B 285 17.97 -9.10 -26.48
N ASP B 286 18.42 -7.88 -26.31
CA ASP B 286 19.34 -7.53 -25.23
C ASP B 286 18.64 -6.82 -24.06
N SER B 287 17.30 -6.83 -24.04
CA SER B 287 16.56 -6.06 -23.02
C SER B 287 16.46 -6.75 -21.67
N GLY B 288 16.70 -8.05 -21.60
CA GLY B 288 16.55 -8.80 -20.34
C GLY B 288 17.30 -8.19 -19.18
N PRO B 289 18.58 -7.92 -19.37
CA PRO B 289 19.40 -7.21 -18.34
C PRO B 289 18.94 -5.80 -17.98
N VAL B 290 18.34 -5.10 -18.93
CA VAL B 290 17.84 -3.74 -18.72
C VAL B 290 16.59 -3.80 -17.83
N ARG B 291 15.69 -4.75 -18.10
CA ARG B 291 14.52 -4.93 -17.24
CA ARG B 291 14.52 -4.92 -17.24
C ARG B 291 14.93 -5.36 -15.82
N ARG B 292 15.97 -6.19 -15.70
CA ARG B 292 16.45 -6.64 -14.39
CA ARG B 292 16.42 -6.65 -14.39
C ARG B 292 17.00 -5.46 -13.63
N ARG B 293 17.77 -4.64 -14.33
CA ARG B 293 18.32 -3.40 -13.74
C ARG B 293 17.18 -2.46 -13.30
N ALA B 294 16.16 -2.32 -14.15
CA ALA B 294 15.07 -1.42 -13.85
C ALA B 294 14.36 -1.94 -12.61
N ALA B 295 14.12 -3.25 -12.52
CA ALA B 295 13.43 -3.74 -11.36
C ALA B 295 14.21 -3.55 -10.08
N GLU B 296 15.52 -3.76 -10.14
CA GLU B 296 16.35 -3.54 -8.95
C GLU B 296 16.33 -2.10 -8.52
N LEU B 297 16.34 -1.21 -9.48
CA LEU B 297 16.28 0.21 -9.11
C LEU B 297 14.92 0.57 -8.46
N LEU B 298 13.85 0.10 -9.07
CA LEU B 298 12.50 0.35 -8.54
C LEU B 298 12.25 -0.30 -7.18
N ARG B 299 12.86 -1.44 -6.91
CA ARG B 299 12.73 -2.15 -5.64
C ARG B 299 13.45 -1.43 -4.53
N ALA B 300 14.67 -1.01 -4.83
CA ALA B 300 15.57 -0.55 -3.78
C ALA B 300 15.88 0.91 -3.76
N GLY B 301 15.81 1.64 -4.87
CA GLY B 301 16.45 3.00 -4.97
C GLY B 301 17.92 2.98 -5.41
#